data_1ZMA
#
_entry.id   1ZMA
#
_cell.length_a   27.006
_cell.length_b   69.658
_cell.length_c   29.621
_cell.angle_alpha   90.00
_cell.angle_beta   112.27
_cell.angle_gamma   90.00
#
_symmetry.space_group_name_H-M   'P 1 21 1'
#
loop_
_entity.id
_entity.type
_entity.pdbx_description
1 polymer 'bacterocin transport accessory protein'
2 non-polymer 'FORMIC ACID'
3 water water
#
_entity_poly.entity_id   1
_entity_poly.type   'polypeptide(L)'
_entity_poly.pdbx_seq_one_letter_code
;SNA(MSE)EQFLDNIKDLEVTTVVRAQEALDKKETATFFIGRKTCPYCRKFAGTLSGVVAETKAHIYFINSEEPSQLNDL
QAFRSRYGIPTVPGFVHITDGQINVRCDSS(MSE)SAQEIKDFAGL
;
_entity_poly.pdbx_strand_id   A
#
# COMPACT_ATOMS: atom_id res chain seq x y z
N SER A 1 14.78 -12.46 -8.69
CA SER A 1 14.23 -13.31 -9.75
C SER A 1 13.52 -12.44 -10.82
N ASN A 2 13.30 -13.01 -12.01
CA ASN A 2 12.59 -12.30 -13.08
C ASN A 2 11.26 -11.72 -12.56
N ALA A 3 10.55 -12.46 -11.74
CA ALA A 3 9.26 -11.98 -11.24
C ALA A 3 9.44 -10.77 -10.32
N GLU A 5 11.79 -8.55 -10.63
CA GLU A 5 12.05 -7.44 -11.53
C GLU A 5 10.75 -6.92 -12.18
N GLN A 6 9.83 -7.83 -12.51
CA GLN A 6 8.51 -7.43 -13.01
C GLN A 6 7.75 -6.65 -11.96
N PHE A 7 7.89 -7.02 -10.69
CA PHE A 7 7.32 -6.25 -9.58
C PHE A 7 7.81 -4.81 -9.57
N LEU A 8 9.12 -4.62 -9.73
CA LEU A 8 9.69 -3.28 -9.73
C LEU A 8 9.11 -2.45 -10.87
N ASP A 9 8.91 -3.08 -12.03
N ASP A 9 8.88 -3.07 -12.03
CA ASP A 9 8.25 -2.40 -13.14
CA ASP A 9 8.23 -2.37 -13.14
C ASP A 9 6.79 -2.08 -12.79
C ASP A 9 6.76 -2.10 -12.87
N ASN A 10 6.08 -3.05 -12.23
CA ASN A 10 4.67 -2.87 -11.87
C ASN A 10 4.46 -1.72 -10.90
N ILE A 11 5.41 -1.50 -10.00
CA ILE A 11 5.25 -0.43 -9.00
C ILE A 11 5.95 0.88 -9.39
N LYS A 12 6.39 0.99 -10.64
CA LYS A 12 7.25 2.13 -11.01
C LYS A 12 6.58 3.48 -10.85
N ASP A 13 5.24 3.51 -10.94
CA ASP A 13 4.52 4.77 -10.81
C ASP A 13 3.88 4.98 -9.46
N LEU A 14 4.13 4.08 -8.53
CA LEU A 14 3.81 4.34 -7.14
C LEU A 14 4.90 5.18 -6.49
N GLU A 15 4.55 5.97 -5.51
CA GLU A 15 5.50 6.80 -4.81
C GLU A 15 5.99 6.11 -3.54
N VAL A 16 7.29 5.80 -3.51
CA VAL A 16 7.89 5.15 -2.35
C VAL A 16 7.86 6.10 -1.15
N THR A 17 7.40 5.61 -0.01
CA THR A 17 7.34 6.38 1.22
C THR A 17 7.43 5.46 2.43
N THR A 18 7.21 6.01 3.61
CA THR A 18 7.34 5.26 4.85
C THR A 18 6.04 5.31 5.63
N VAL A 19 5.94 4.48 6.66
CA VAL A 19 4.76 4.47 7.50
C VAL A 19 4.54 5.82 8.20
N VAL A 20 5.62 6.57 8.42
CA VAL A 20 5.50 7.91 9.03
C VAL A 20 4.64 8.82 8.17
N ARG A 21 4.81 8.73 6.85
CA ARG A 21 3.98 9.51 5.91
C ARG A 21 2.49 9.14 5.98
N ALA A 22 2.20 7.85 6.24
CA ALA A 22 0.82 7.42 6.44
C ALA A 22 0.25 7.99 7.74
N GLN A 23 1.06 7.98 8.79
CA GLN A 23 0.63 8.62 10.03
C GLN A 23 0.40 10.13 9.84
N GLU A 24 1.22 10.80 9.03
CA GLU A 24 1.00 12.23 8.74
C GLU A 24 -0.37 12.43 8.06
N ALA A 25 -0.70 11.56 7.10
CA ALA A 25 -2.00 11.64 6.42
C ALA A 25 -3.16 11.47 7.41
N LEU A 26 -3.03 10.53 8.33
N LEU A 26 -3.00 10.54 8.35
CA LEU A 26 -4.02 10.38 9.38
CA LEU A 26 -4.02 10.33 9.38
C LEU A 26 -4.16 11.67 10.19
C LEU A 26 -4.16 11.56 10.30
N ASP A 27 -3.03 12.12 10.71
CA ASP A 27 -3.03 13.28 11.63
C ASP A 27 -3.51 14.57 10.98
N LYS A 28 -3.17 14.76 9.70
CA LYS A 28 -3.55 15.97 8.98
C LYS A 28 -4.93 15.87 8.30
N LYS A 29 -5.64 14.77 8.49
N LYS A 29 -5.59 14.73 8.42
CA LYS A 29 -6.95 14.54 7.84
CA LYS A 29 -6.86 14.50 7.75
C LYS A 29 -6.86 14.66 6.32
C LYS A 29 -6.73 14.64 6.22
N GLU A 30 -5.80 14.07 5.78
N GLU A 30 -5.62 14.15 5.68
CA GLU A 30 -5.54 13.99 4.35
CA GLU A 30 -5.48 14.02 4.23
C GLU A 30 -6.24 12.71 3.82
C GLU A 30 -6.09 12.69 3.78
N THR A 31 -6.40 12.62 2.50
CA THR A 31 -6.75 11.36 1.86
C THR A 31 -5.51 10.86 1.13
N ALA A 32 -5.14 9.62 1.42
CA ALA A 32 -3.98 9.00 0.81
C ALA A 32 -4.13 7.47 0.91
N THR A 33 -3.56 6.79 -0.07
CA THR A 33 -3.70 5.34 -0.18
C THR A 33 -2.31 4.74 -0.31
N PHE A 34 -2.09 3.65 0.41
CA PHE A 34 -0.77 3.02 0.51
C PHE A 34 -0.84 1.52 0.28
N PHE A 35 0.03 1.02 -0.58
CA PHE A 35 0.27 -0.43 -0.73
C PHE A 35 1.51 -0.77 0.08
N ILE A 36 1.34 -1.62 1.09
N ILE A 36 1.33 -1.61 1.11
CA ILE A 36 2.45 -2.06 1.94
CA ILE A 36 2.41 -2.08 1.97
C ILE A 36 2.73 -3.54 1.64
C ILE A 36 2.71 -3.53 1.56
N GLY A 37 3.96 -3.83 1.22
CA GLY A 37 4.29 -5.18 0.82
C GLY A 37 5.73 -5.29 0.43
N ARG A 38 6.08 -6.48 -0.07
CA ARG A 38 7.45 -6.81 -0.39
C ARG A 38 7.57 -7.49 -1.75
N LYS A 39 8.61 -7.13 -2.51
N LYS A 39 8.61 -7.09 -2.46
CA LYS A 39 8.84 -7.70 -3.86
CA LYS A 39 8.93 -7.61 -3.77
C LYS A 39 9.05 -9.20 -3.78
C LYS A 39 9.13 -9.12 -3.78
N THR A 40 9.59 -9.65 -2.65
CA THR A 40 9.93 -11.05 -2.46
C THR A 40 8.74 -11.99 -2.22
N CYS A 41 7.51 -11.46 -2.07
CA CYS A 41 6.32 -12.26 -1.78
C CYS A 41 5.49 -12.43 -3.06
N PRO A 42 5.22 -13.68 -3.47
CA PRO A 42 4.39 -13.87 -4.67
C PRO A 42 3.00 -13.28 -4.58
N TYR A 43 2.45 -13.16 -3.39
CA TYR A 43 1.09 -12.61 -3.23
C TYR A 43 1.13 -11.09 -3.34
N CYS A 44 2.18 -10.47 -2.80
CA CYS A 44 2.42 -9.06 -3.05
C CYS A 44 2.62 -8.80 -4.54
N ARG A 45 3.33 -9.71 -5.22
CA ARG A 45 3.54 -9.53 -6.66
C ARG A 45 2.25 -9.63 -7.46
N LYS A 46 1.38 -10.56 -7.07
N LYS A 46 1.38 -10.56 -7.07
CA LYS A 46 0.10 -10.69 -7.75
CA LYS A 46 0.08 -10.68 -7.73
C LYS A 46 -0.71 -9.38 -7.56
C LYS A 46 -0.70 -9.39 -7.56
N PHE A 47 -0.77 -8.91 -6.32
CA PHE A 47 -1.50 -7.70 -6.01
C PHE A 47 -0.94 -6.50 -6.77
N ALA A 48 0.40 -6.40 -6.82
CA ALA A 48 1.04 -5.30 -7.52
C ALA A 48 0.70 -5.30 -9.02
N GLY A 49 0.53 -6.48 -9.63
CA GLY A 49 0.08 -6.53 -11.03
C GLY A 49 -1.28 -5.88 -11.21
N THR A 50 -2.21 -6.23 -10.35
CA THR A 50 -3.55 -5.70 -10.45
C THR A 50 -3.53 -4.20 -10.21
N LEU A 51 -2.80 -3.77 -9.19
CA LEU A 51 -2.71 -2.36 -8.83
C LEU A 51 -2.05 -1.57 -9.96
N SER A 52 -1.01 -2.13 -10.57
N SER A 52 -1.02 -2.13 -10.60
CA SER A 52 -0.35 -1.46 -11.67
CA SER A 52 -0.34 -1.43 -11.67
C SER A 52 -1.34 -1.06 -12.75
C SER A 52 -1.28 -1.09 -12.83
N GLY A 53 -2.22 -1.99 -13.10
CA GLY A 53 -3.20 -1.73 -14.14
C GLY A 53 -4.17 -0.62 -13.74
N VAL A 54 -4.63 -0.67 -12.49
CA VAL A 54 -5.49 0.38 -11.96
C VAL A 54 -4.81 1.75 -12.04
N VAL A 55 -3.56 1.82 -11.65
CA VAL A 55 -2.81 3.10 -11.69
C VAL A 55 -2.67 3.59 -13.11
N ALA A 56 -2.36 2.68 -14.04
CA ALA A 56 -2.24 3.08 -15.44
C ALA A 56 -3.57 3.58 -15.99
N GLU A 57 -4.66 2.90 -15.65
CA GLU A 57 -5.98 3.28 -16.12
C GLU A 57 -6.44 4.62 -15.57
N THR A 58 -6.23 4.87 -14.28
CA THR A 58 -6.79 6.03 -13.60
C THR A 58 -5.82 7.19 -13.51
N LYS A 59 -4.53 6.95 -13.73
CA LYS A 59 -3.48 7.95 -13.45
C LYS A 59 -3.51 8.38 -11.99
N ALA A 60 -3.89 7.48 -11.09
CA ALA A 60 -3.92 7.76 -9.65
C ALA A 60 -2.54 7.84 -9.06
N HIS A 61 -2.49 8.56 -7.94
CA HIS A 61 -1.32 8.66 -7.09
C HIS A 61 -1.50 7.79 -5.87
N ILE A 62 -0.71 6.72 -5.82
N ILE A 62 -0.68 6.74 -5.83
CA ILE A 62 -0.78 5.78 -4.72
CA ILE A 62 -0.75 5.70 -4.80
C ILE A 62 0.64 5.51 -4.26
C ILE A 62 0.67 5.54 -4.26
N TYR A 63 0.80 5.39 -2.95
CA TYR A 63 2.09 5.20 -2.32
C TYR A 63 2.43 3.72 -2.18
N PHE A 64 3.74 3.45 -2.11
CA PHE A 64 4.29 2.14 -1.82
C PHE A 64 5.15 2.23 -0.56
N ILE A 65 4.91 1.31 0.37
CA ILE A 65 5.75 1.15 1.55
C ILE A 65 6.35 -0.25 1.51
N ASN A 66 7.68 -0.32 1.45
CA ASN A 66 8.39 -1.58 1.43
C ASN A 66 8.38 -2.18 2.82
N SER A 67 7.66 -3.29 2.97
CA SER A 67 7.47 -3.91 4.27
C SER A 67 8.71 -4.62 4.80
N GLU A 68 9.77 -4.65 4.01
CA GLU A 68 11.05 -5.15 4.57
C GLU A 68 12.24 -4.21 4.31
N GLU A 69 11.99 -2.89 4.24
CA GLU A 69 13.08 -1.91 4.16
C GLU A 69 13.89 -1.96 5.47
N PRO A 70 15.18 -2.36 5.40
CA PRO A 70 16.04 -2.51 6.58
C PRO A 70 16.01 -1.34 7.56
N SER A 71 16.14 -0.12 7.05
CA SER A 71 16.17 1.09 7.90
C SER A 71 14.86 1.41 8.59
N GLN A 72 13.79 0.71 8.16
N GLN A 72 13.83 0.66 8.21
CA GLN A 72 12.44 0.97 8.67
CA GLN A 72 12.47 0.95 8.63
C GLN A 72 11.91 -0.09 9.61
C GLN A 72 11.90 -0.11 9.58
N LEU A 73 12.75 -1.05 10.00
CA LEU A 73 12.30 -2.21 10.76
C LEU A 73 11.36 -1.92 11.93
N ASN A 74 11.75 -1.13 12.93
N ASN A 74 11.81 -1.03 12.81
CA ASN A 74 10.80 -0.99 14.04
CA ASN A 74 11.08 -0.73 14.02
C ASN A 74 9.63 -0.03 13.75
C ASN A 74 9.75 -0.03 13.75
N ASP A 75 9.80 0.98 12.89
CA ASP A 75 8.65 1.81 12.50
C ASP A 75 7.61 0.93 11.80
N LEU A 76 8.08 0.03 10.93
CA LEU A 76 7.16 -0.86 10.23
C LEU A 76 6.45 -1.78 11.19
N GLN A 77 7.22 -2.38 12.10
N GLN A 77 7.21 -2.37 12.10
CA GLN A 77 6.64 -3.26 13.11
CA GLN A 77 6.60 -3.30 13.04
C GLN A 77 5.55 -2.58 13.89
C GLN A 77 5.57 -2.61 13.95
N ALA A 78 5.85 -1.37 14.37
CA ALA A 78 4.91 -0.63 15.22
C ALA A 78 3.62 -0.30 14.46
N PHE A 79 3.78 0.21 13.23
CA PHE A 79 2.62 0.62 12.43
C PHE A 79 1.74 -0.60 12.10
N ARG A 80 2.38 -1.70 11.72
CA ARG A 80 1.64 -2.91 11.34
C ARG A 80 0.91 -3.53 12.52
N SER A 81 1.55 -3.45 13.70
N SER A 81 1.50 -3.46 13.71
CA SER A 81 0.93 -3.89 14.93
CA SER A 81 0.79 -3.95 14.87
C SER A 81 -0.24 -2.98 15.34
C SER A 81 -0.30 -2.97 15.30
N ARG A 82 -0.01 -1.66 15.33
CA ARG A 82 -1.02 -0.68 15.74
C ARG A 82 -2.28 -0.74 14.86
N TYR A 83 -2.07 -0.88 13.55
CA TYR A 83 -3.18 -0.79 12.57
C TYR A 83 -3.66 -2.13 12.02
N GLY A 84 -3.10 -3.23 12.53
CA GLY A 84 -3.62 -4.56 12.23
C GLY A 84 -3.33 -5.04 10.83
N ILE A 85 -2.04 -5.07 10.50
CA ILE A 85 -1.57 -5.52 9.19
C ILE A 85 -0.61 -6.67 9.38
N PRO A 86 -1.09 -7.82 9.87
CA PRO A 86 -0.13 -8.89 10.19
C PRO A 86 0.44 -9.67 9.01
N THR A 87 -0.17 -9.54 7.84
CA THR A 87 0.37 -10.13 6.62
C THR A 87 0.39 -9.04 5.56
N VAL A 88 1.25 -9.27 4.58
CA VAL A 88 1.24 -8.50 3.37
C VAL A 88 0.90 -9.43 2.19
N PRO A 89 0.30 -8.90 1.14
CA PRO A 89 0.05 -7.47 0.90
C PRO A 89 -0.98 -6.85 1.82
N GLY A 90 -0.78 -5.57 2.13
CA GLY A 90 -1.79 -4.76 2.78
C GLY A 90 -2.10 -3.55 1.91
N PHE A 91 -3.35 -3.16 1.88
CA PHE A 91 -3.77 -1.99 1.12
C PHE A 91 -4.48 -1.11 2.12
N VAL A 92 -4.04 0.14 2.22
CA VAL A 92 -4.41 1.02 3.31
C VAL A 92 -4.99 2.30 2.72
N HIS A 93 -6.23 2.62 3.06
CA HIS A 93 -6.88 3.85 2.61
C HIS A 93 -7.17 4.69 3.83
N ILE A 94 -6.60 5.90 3.81
CA ILE A 94 -6.71 6.89 4.89
C ILE A 94 -7.49 8.09 4.36
N THR A 95 -8.52 8.50 5.10
CA THR A 95 -9.31 9.66 4.72
C THR A 95 -10.05 10.16 5.97
N ASP A 96 -10.13 11.48 6.10
CA ASP A 96 -10.80 12.14 7.22
C ASP A 96 -10.41 11.59 8.60
N GLY A 97 -9.12 11.36 8.80
CA GLY A 97 -8.61 10.86 10.07
C GLY A 97 -8.92 9.40 10.39
N GLN A 98 -9.48 8.66 9.44
N GLN A 98 -9.42 8.67 9.39
CA GLN A 98 -9.63 7.21 9.62
CA GLN A 98 -9.88 7.29 9.51
C GLN A 98 -8.73 6.43 8.75
C GLN A 98 -8.98 6.37 8.65
N ILE A 99 -8.62 5.18 9.15
CA ILE A 99 -7.80 4.23 8.40
C ILE A 99 -8.63 2.97 8.11
N ASN A 100 -8.47 2.48 6.88
N ASN A 100 -8.47 2.48 6.89
CA ASN A 100 -9.11 1.27 6.38
CA ASN A 100 -9.09 1.25 6.43
C ASN A 100 -8.01 0.35 5.85
C ASN A 100 -7.99 0.34 5.87
N VAL A 101 -7.99 -0.92 6.29
CA VAL A 101 -6.95 -1.88 5.89
C VAL A 101 -7.59 -3.14 5.29
N ARG A 102 -7.02 -3.59 4.16
N ARG A 102 -7.09 -3.57 4.13
CA ARG A 102 -7.41 -4.85 3.56
CA ARG A 102 -7.44 -4.92 3.63
C ARG A 102 -6.14 -5.62 3.18
C ARG A 102 -6.21 -5.65 3.12
N CYS A 103 -6.06 -6.85 3.66
CA CYS A 103 -4.96 -7.75 3.41
C CYS A 103 -5.51 -8.89 2.54
N ASP A 104 -5.49 -8.72 1.22
CA ASP A 104 -6.16 -9.67 0.29
C ASP A 104 -5.56 -9.47 -1.07
N SER A 105 -4.64 -10.37 -1.42
CA SER A 105 -3.92 -10.25 -2.67
C SER A 105 -4.80 -10.35 -3.91
N SER A 106 -6.00 -10.90 -3.74
CA SER A 106 -6.93 -11.17 -4.84
C SER A 106 -7.83 -9.99 -5.21
N SER A 108 -9.73 -7.30 -6.95
CA SER A 108 -9.87 -7.00 -8.36
C SER A 108 -9.58 -5.51 -8.61
N ALA A 109 -9.46 -5.16 -9.88
CA ALA A 109 -9.30 -3.78 -10.26
C ALA A 109 -10.44 -2.94 -9.74
N GLN A 110 -11.66 -3.41 -9.90
N GLN A 110 -11.67 -3.42 -9.91
CA GLN A 110 -12.79 -2.61 -9.41
CA GLN A 110 -12.83 -2.67 -9.42
C GLN A 110 -12.77 -2.50 -7.89
C GLN A 110 -12.80 -2.53 -7.90
N GLU A 111 -12.47 -3.60 -7.20
CA GLU A 111 -12.41 -3.54 -5.73
C GLU A 111 -11.37 -2.53 -5.25
N ILE A 112 -10.21 -2.54 -5.88
CA ILE A 112 -9.12 -1.57 -5.59
C ILE A 112 -9.61 -0.13 -5.83
N LYS A 113 -10.25 0.12 -6.97
N LYS A 113 -10.26 0.09 -6.97
N LYS A 113 -10.24 0.12 -6.97
CA LYS A 113 -10.76 1.48 -7.24
CA LYS A 113 -10.79 1.42 -7.33
CA LYS A 113 -10.76 1.47 -7.25
C LYS A 113 -11.78 1.89 -6.19
C LYS A 113 -11.85 1.90 -6.33
C LYS A 113 -11.77 1.88 -6.18
N ASP A 114 -12.72 0.99 -5.88
CA ASP A 114 -13.73 1.26 -4.84
C ASP A 114 -13.05 1.63 -3.51
N PHE A 115 -12.09 0.82 -3.11
CA PHE A 115 -11.43 0.99 -1.82
C PHE A 115 -10.65 2.29 -1.74
N ALA A 116 -10.04 2.72 -2.85
CA ALA A 116 -9.19 3.91 -2.89
C ALA A 116 -9.95 5.16 -3.33
N GLY A 117 -11.26 5.03 -3.54
CA GLY A 117 -12.10 6.17 -3.93
C GLY A 117 -11.78 6.73 -5.29
N LEU A 118 -11.34 5.87 -6.18
CA LEU A 118 -11.03 6.26 -7.52
C LEU A 118 -12.30 6.05 -8.37
#